data_9FZ3
#
_entry.id   9FZ3
#
_cell.length_a   132.486
_cell.length_b   132.486
_cell.length_c   132.486
_cell.angle_alpha   90.00
_cell.angle_beta   90.00
_cell.angle_gamma   90.00
#
_symmetry.space_group_name_H-M   'P 2 3'
#
loop_
_entity.id
_entity.type
_entity.pdbx_description
1 polymer Amylase
2 branched alpha-D-glucopyranose-(1-6)-alpha-D-glucopyranose
3 non-polymer (1~{S},4~{S},5~{R})-6-(hydroxymethyl)cyclohexane-1,2,3,4,5-pentol
4 non-polymer OCTAN-1-OL
5 non-polymer 'ACETATE ION'
6 non-polymer 'SODIUM ION'
7 water water
#
_entity_poly.entity_id   1
_entity_poly.type   'polypeptide(L)'
_entity_poly.pdbx_seq_one_letter_code
;MGSSHHHHHHSSGLEVLFQGPADGLNGTMMQYYEWHLENDGQHWNRLHDDAAALSDAGITAIWIPPAYKGNSQADVGYGA
YDLYDLGEFNQKGTVRTKYGTKAQLERAIGSLKSNDINVYGDVVMNHKMGADFTEAVQAVQVNPTNRWQDISGAYTIDAW
TGFDFSGRNNAYSDFKWRWFHFNGVDWDQRYQENHIFRFANTNWNWRVDEENGNYDYLLGSNIDFSHPEVQDELKDWGSW
FTDELDLDGYRLDAIKHIPFWYTSDWVRHQRNEADQDLFVVGEYWKDDVGALEFYLDEMNWEMSLFDVPLNYNFYRASQQ
GGSYDMRNILRGSLVEAHPMHAVTFVDNHDTQPGESLESWVADWFKPLAYATILTREGGYPNVFYGDYYGIPNDNISAKK
DMIDELLDARQNYAYGTQHDYFDHWDVVGWTREGSSSRPNSGLATIMSNGPGGSKWMYVGRQNAGQTWTDLTGNNGASVT
INGDGWGEFFTNGGSVSVYVNQ
;
_entity_poly.pdbx_strand_id   A
#
loop_
_chem_comp.id
_chem_comp.type
_chem_comp.name
_chem_comp.formula
ACT non-polymer 'ACETATE ION' 'C2 H3 O2 -1'
GLC D-saccharide, alpha linking alpha-D-glucopyranose 'C6 H12 O6'
NA non-polymer 'SODIUM ION' 'Na 1'
OC9 non-polymer OCTAN-1-OL 'C8 H18 O'
PBW non-polymer (1~{S},4~{S},5~{R})-6-(hydroxymethyl)cyclohexane-1,2,3,4,5-pentol 'C7 H14 O6'
#
# COMPACT_ATOMS: atom_id res chain seq x y z
N GLY A 24 -18.63 -14.88 3.88
CA GLY A 24 -17.20 -14.58 3.93
C GLY A 24 -16.54 -14.71 2.55
N LEU A 25 -16.89 -13.80 1.63
CA LEU A 25 -16.19 -13.60 0.37
C LEU A 25 -14.72 -13.28 0.65
N ASN A 26 -13.79 -13.69 -0.24
CA ASN A 26 -12.38 -13.32 -0.10
C ASN A 26 -12.26 -11.80 -0.20
N GLY A 27 -11.38 -11.22 0.62
CA GLY A 27 -11.27 -9.77 0.75
C GLY A 27 -10.33 -9.19 -0.31
N THR A 28 -10.70 -8.03 -0.87
CA THR A 28 -9.83 -7.29 -1.78
C THR A 28 -9.88 -5.81 -1.44
N MET A 29 -8.70 -5.20 -1.21
CA MET A 29 -8.63 -3.78 -0.91
C MET A 29 -8.25 -3.02 -2.19
N MET A 30 -8.57 -1.72 -2.22
CA MET A 30 -8.16 -0.84 -3.29
C MET A 30 -7.56 0.46 -2.74
N GLN A 31 -6.34 0.77 -3.18
CA GLN A 31 -5.80 2.11 -3.09
C GLN A 31 -6.59 3.04 -4.02
N TYR A 32 -7.33 4.00 -3.46
CA TYR A 32 -8.21 4.85 -4.22
C TYR A 32 -7.58 6.23 -4.46
N TYR A 33 -6.39 6.22 -5.05
CA TYR A 33 -5.78 7.41 -5.62
C TYR A 33 -4.56 6.98 -6.42
N GLU A 34 -4.04 7.91 -7.25
CA GLU A 34 -2.75 7.81 -7.91
C GLU A 34 -2.06 9.18 -7.80
N TRP A 35 -0.78 9.22 -8.13
CA TRP A 35 0.04 10.39 -7.86
C TRP A 35 -0.48 11.64 -8.59
N HIS A 36 -0.88 11.46 -9.87
CA HIS A 36 -1.23 12.55 -10.78
C HIS A 36 -2.74 12.77 -10.90
N LEU A 37 -3.50 12.33 -9.90
CA LEU A 37 -4.91 12.70 -9.83
C LEU A 37 -5.04 14.21 -10.01
N GLU A 38 -6.13 14.65 -10.65
CA GLU A 38 -6.46 16.05 -10.76
C GLU A 38 -6.70 16.63 -9.38
N ASN A 39 -6.24 17.87 -9.19
CA ASN A 39 -6.48 18.63 -7.97
C ASN A 39 -7.78 19.43 -8.09
N ASP A 40 -8.92 18.76 -8.20
CA ASP A 40 -10.19 19.46 -8.36
C ASP A 40 -11.01 19.41 -7.08
N GLY A 41 -10.49 18.75 -6.04
CA GLY A 41 -11.21 18.67 -4.77
C GLY A 41 -12.48 17.82 -4.81
N GLN A 42 -12.65 16.97 -5.84
CA GLN A 42 -13.89 16.21 -6.02
C GLN A 42 -13.65 14.71 -5.81
N HIS A 43 -12.50 14.31 -5.27
CA HIS A 43 -12.18 12.90 -5.15
C HIS A 43 -13.01 12.22 -4.08
N TRP A 44 -13.29 12.89 -2.95
CA TRP A 44 -14.13 12.31 -1.94
C TRP A 44 -15.52 12.11 -2.53
N ASN A 45 -16.02 13.08 -3.28
CA ASN A 45 -17.35 12.92 -3.87
C ASN A 45 -17.34 11.76 -4.88
N ARG A 46 -16.24 11.59 -5.63
CA ARG A 46 -16.12 10.50 -6.58
C ARG A 46 -16.20 9.17 -5.81
N LEU A 47 -15.48 9.08 -4.68
CA LEU A 47 -15.47 7.89 -3.86
C LEU A 47 -16.87 7.58 -3.33
N HIS A 48 -17.57 8.60 -2.84
CA HIS A 48 -18.94 8.47 -2.42
C HIS A 48 -19.80 7.80 -3.49
N ASP A 49 -19.69 8.27 -4.73
CA ASP A 49 -20.60 7.86 -5.79
C ASP A 49 -20.20 6.50 -6.38
N ASP A 50 -18.96 6.06 -6.13
CA ASP A 50 -18.40 4.86 -6.71
C ASP A 50 -18.60 3.62 -5.84
N ALA A 51 -19.10 3.84 -4.61
CA ALA A 51 -19.05 2.83 -3.55
C ALA A 51 -19.82 1.56 -3.91
N ALA A 52 -21.09 1.71 -4.33
CA ALA A 52 -21.92 0.54 -4.68
C ALA A 52 -21.27 -0.23 -5.82
N ALA A 53 -20.77 0.48 -6.85
CA ALA A 53 -20.13 -0.16 -7.98
C ALA A 53 -18.87 -0.89 -7.55
N LEU A 54 -18.14 -0.36 -6.56
CA LEU A 54 -16.91 -1.02 -6.14
C LEU A 54 -17.25 -2.30 -5.38
N SER A 55 -18.28 -2.22 -4.53
CA SER A 55 -18.77 -3.39 -3.79
C SER A 55 -19.15 -4.54 -4.76
N ASP A 56 -20.05 -4.25 -5.68
CA ASP A 56 -20.43 -5.16 -6.76
C ASP A 56 -19.23 -5.78 -7.46
N ALA A 57 -18.21 -4.99 -7.78
CA ALA A 57 -17.06 -5.51 -8.52
C ALA A 57 -16.21 -6.47 -7.68
N GLY A 58 -16.41 -6.46 -6.36
CA GLY A 58 -15.66 -7.33 -5.47
C GLY A 58 -14.65 -6.61 -4.57
N ILE A 59 -14.71 -5.27 -4.45
CA ILE A 59 -13.82 -4.59 -3.51
C ILE A 59 -14.49 -4.56 -2.13
N THR A 60 -13.73 -4.96 -1.08
CA THR A 60 -14.23 -5.06 0.30
C THR A 60 -13.60 -4.03 1.25
N ALA A 61 -12.50 -3.38 0.82
CA ALA A 61 -11.88 -2.36 1.65
C ALA A 61 -11.21 -1.30 0.77
N ILE A 62 -11.19 -0.05 1.26
CA ILE A 62 -10.58 1.06 0.56
C ILE A 62 -9.48 1.68 1.41
N TRP A 63 -8.30 1.85 0.79
CA TRP A 63 -7.19 2.60 1.37
C TRP A 63 -7.28 4.05 0.85
N ILE A 64 -7.72 4.97 1.73
CA ILE A 64 -7.82 6.36 1.34
C ILE A 64 -6.47 7.06 1.48
N PRO A 65 -6.18 8.07 0.64
CA PRO A 65 -4.90 8.79 0.73
C PRO A 65 -4.86 9.55 2.06
N PRO A 66 -3.73 10.12 2.45
CA PRO A 66 -3.73 10.95 3.67
C PRO A 66 -4.83 12.02 3.59
N ALA A 67 -5.73 12.06 4.60
CA ALA A 67 -6.91 12.92 4.57
C ALA A 67 -6.64 14.33 5.12
N TYR A 68 -5.43 14.54 5.63
CA TYR A 68 -5.06 15.74 6.37
C TYR A 68 -4.19 16.67 5.52
N LYS A 69 -4.17 17.94 5.95
CA LYS A 69 -3.54 19.06 5.25
C LYS A 69 -2.04 18.85 5.14
N GLY A 70 -1.55 18.93 3.90
CA GLY A 70 -0.13 18.89 3.61
C GLY A 70 0.40 20.31 3.36
N ASN A 71 1.48 20.40 2.60
CA ASN A 71 2.19 21.64 2.32
C ASN A 71 1.37 22.65 1.55
N SER A 72 0.45 22.12 0.73
CA SER A 72 -0.40 22.96 -0.12
C SER A 72 -1.64 22.18 -0.49
N GLN A 73 -2.53 22.82 -1.21
CA GLN A 73 -3.71 22.14 -1.74
C GLN A 73 -3.38 20.96 -2.65
N ALA A 74 -2.30 21.03 -3.43
CA ALA A 74 -2.01 20.00 -4.44
C ALA A 74 -1.15 18.87 -3.88
N ASP A 75 -0.81 18.96 -2.59
CA ASP A 75 -0.08 17.91 -1.88
C ASP A 75 -0.80 16.58 -2.07
N VAL A 76 -0.05 15.53 -2.41
CA VAL A 76 -0.64 14.20 -2.53
C VAL A 76 -1.02 13.65 -1.16
N GLY A 77 -0.36 14.15 -0.09
CA GLY A 77 -0.76 13.80 1.28
C GLY A 77 0.42 13.59 2.23
N TYR A 78 1.63 13.47 1.69
CA TYR A 78 2.79 13.10 2.49
C TYR A 78 3.51 14.35 3.05
N GLY A 79 3.00 15.54 2.75
CA GLY A 79 3.45 16.76 3.41
C GLY A 79 3.28 16.67 4.93
N ALA A 80 2.08 16.30 5.37
CA ALA A 80 1.78 16.11 6.78
C ALA A 80 2.13 17.37 7.56
N TYR A 81 1.40 18.45 7.22
CA TYR A 81 1.48 19.72 7.93
C TYR A 81 0.63 19.61 9.19
N ASP A 82 -0.67 19.30 9.07
CA ASP A 82 -1.56 19.28 10.21
C ASP A 82 -2.49 18.07 10.18
N LEU A 83 -2.21 17.08 11.03
CA LEU A 83 -2.95 15.82 11.07
C LEU A 83 -4.34 16.04 11.62
N TYR A 84 -4.60 17.18 12.28
CA TYR A 84 -5.93 17.44 12.80
C TYR A 84 -6.78 18.25 11.83
N ASP A 85 -6.23 18.60 10.65
CA ASP A 85 -6.96 19.38 9.67
C ASP A 85 -7.34 18.50 8.48
N LEU A 86 -8.59 18.04 8.42
CA LEU A 86 -8.96 17.07 7.38
C LEU A 86 -9.63 17.78 6.19
N GLY A 87 -9.13 18.96 5.81
CA GLY A 87 -9.80 19.76 4.80
C GLY A 87 -10.92 20.56 5.44
N GLU A 88 -10.65 21.10 6.62
CA GLU A 88 -11.65 21.82 7.40
C GLU A 88 -11.24 23.26 7.72
N PHE A 89 -9.94 23.57 7.76
CA PHE A 89 -9.46 24.88 8.17
C PHE A 89 -8.62 25.51 7.06
N ASN A 90 -8.60 26.85 7.00
CA ASN A 90 -7.85 27.59 6.01
C ASN A 90 -6.41 27.67 6.46
N GLN A 91 -5.61 26.73 6.00
CA GLN A 91 -4.20 26.64 6.34
C GLN A 91 -3.46 26.16 5.09
N LYS A 92 -2.24 26.67 4.92
CA LYS A 92 -1.38 26.33 3.81
C LYS A 92 -2.01 26.73 2.47
N GLY A 93 -2.97 27.68 2.46
CA GLY A 93 -3.45 28.28 1.23
C GLY A 93 -4.72 27.64 0.65
N THR A 94 -5.48 26.94 1.51
CA THR A 94 -6.62 26.13 1.10
C THR A 94 -7.35 25.71 2.37
N VAL A 95 -8.67 25.60 2.26
CA VAL A 95 -9.45 24.90 3.26
C VAL A 95 -9.37 23.40 2.97
N ARG A 96 -9.85 22.99 1.79
CA ARG A 96 -9.87 21.58 1.41
C ARG A 96 -8.45 21.04 1.21
N THR A 97 -8.25 19.73 1.43
CA THR A 97 -7.11 19.01 0.91
C THR A 97 -7.28 18.88 -0.60
N LYS A 98 -6.29 18.24 -1.27
CA LYS A 98 -6.39 17.90 -2.69
C LYS A 98 -7.68 17.13 -2.99
N TYR A 99 -8.16 16.36 -2.01
CA TYR A 99 -9.17 15.34 -2.26
C TYR A 99 -10.55 15.91 -1.99
N GLY A 100 -10.64 16.92 -1.11
CA GLY A 100 -11.91 17.57 -0.83
C GLY A 100 -12.00 18.06 0.61
N THR A 101 -13.24 18.36 1.04
CA THR A 101 -13.53 18.83 2.38
C THR A 101 -13.75 17.64 3.33
N LYS A 102 -13.57 17.93 4.61
CA LYS A 102 -13.83 16.96 5.68
C LYS A 102 -15.28 16.45 5.60
N ALA A 103 -16.23 17.32 5.32
CA ALA A 103 -17.61 16.92 5.24
C ALA A 103 -17.81 15.92 4.10
N GLN A 104 -17.12 16.15 2.98
CA GLN A 104 -17.29 15.28 1.81
C GLN A 104 -16.63 13.92 2.07
N LEU A 105 -15.48 13.92 2.77
CA LEU A 105 -14.80 12.72 3.17
C LEU A 105 -15.68 11.85 4.08
N GLU A 106 -16.34 12.49 5.04
CA GLU A 106 -17.22 11.78 5.96
C GLU A 106 -18.47 11.25 5.27
N ARG A 107 -18.94 11.98 4.26
CA ARG A 107 -20.07 11.53 3.46
C ARG A 107 -19.66 10.29 2.65
N ALA A 108 -18.48 10.34 2.05
CA ALA A 108 -17.93 9.22 1.29
C ALA A 108 -17.82 7.99 2.19
N ILE A 109 -17.34 8.17 3.42
CA ILE A 109 -17.10 7.03 4.30
C ILE A 109 -18.44 6.39 4.67
N GLY A 110 -19.46 7.21 4.88
CA GLY A 110 -20.79 6.70 5.20
C GLY A 110 -21.29 5.83 4.05
N SER A 111 -21.00 6.27 2.84
CA SER A 111 -21.46 5.57 1.66
C SER A 111 -20.69 4.26 1.53
N LEU A 112 -19.37 4.29 1.76
CA LEU A 112 -18.62 3.07 1.83
C LEU A 112 -19.22 2.13 2.88
N LYS A 113 -19.44 2.64 4.10
CA LYS A 113 -19.86 1.77 5.18
C LYS A 113 -21.18 1.11 4.77
N SER A 114 -22.13 1.87 4.19
CA SER A 114 -23.43 1.28 3.91
C SER A 114 -23.39 0.37 2.68
N ASN A 115 -22.24 0.26 2.00
CA ASN A 115 -22.04 -0.71 0.93
C ASN A 115 -21.10 -1.84 1.35
N ASP A 116 -20.91 -2.03 2.66
CA ASP A 116 -20.12 -3.13 3.19
C ASP A 116 -18.64 -3.05 2.75
N ILE A 117 -18.09 -1.81 2.69
CA ILE A 117 -16.68 -1.62 2.42
C ILE A 117 -16.02 -0.99 3.67
N ASN A 118 -14.96 -1.65 4.14
CA ASN A 118 -14.13 -1.13 5.21
C ASN A 118 -13.26 0.03 4.75
N VAL A 119 -12.88 0.92 5.68
CA VAL A 119 -12.06 2.07 5.33
C VAL A 119 -10.77 2.02 6.13
N TYR A 120 -9.65 2.00 5.42
CA TYR A 120 -8.34 2.07 6.02
C TYR A 120 -7.76 3.45 5.71
N GLY A 121 -7.33 4.14 6.77
CA GLY A 121 -6.75 5.47 6.65
C GLY A 121 -5.23 5.37 6.48
N ASP A 122 -4.70 6.13 5.52
CA ASP A 122 -3.27 6.25 5.37
C ASP A 122 -2.72 7.11 6.51
N VAL A 123 -1.61 6.67 7.11
CA VAL A 123 -1.06 7.29 8.32
C VAL A 123 0.40 7.61 8.15
N VAL A 124 0.74 8.90 8.34
CA VAL A 124 2.10 9.38 8.10
C VAL A 124 2.65 10.04 9.38
N MET A 125 3.56 9.35 10.09
CA MET A 125 3.99 9.76 11.41
C MET A 125 5.49 9.98 11.45
N ASN A 126 6.19 9.78 10.33
CA ASN A 126 7.65 9.79 10.32
C ASN A 126 8.20 11.21 10.42
N HIS A 127 7.47 12.16 9.82
CA HIS A 127 7.97 13.48 9.54
C HIS A 127 6.82 14.48 9.41
N LYS A 128 7.22 15.76 9.33
CA LYS A 128 6.32 16.86 9.03
C LYS A 128 7.05 17.75 8.04
N MET A 129 6.25 18.55 7.33
CA MET A 129 6.75 19.50 6.34
C MET A 129 5.85 20.72 6.40
N GLY A 130 6.29 21.83 5.79
CA GLY A 130 5.44 23.02 5.66
C GLY A 130 5.28 23.82 6.98
N ALA A 131 6.29 23.79 7.85
CA ALA A 131 6.27 24.53 9.11
C ALA A 131 5.93 25.99 8.88
N ASP A 132 5.28 26.59 9.88
CA ASP A 132 4.87 27.98 9.80
C ASP A 132 6.10 28.89 9.96
N PHE A 133 7.14 28.49 10.71
CA PHE A 133 8.28 29.40 10.87
C PHE A 133 9.57 28.63 11.12
N THR A 134 10.71 29.26 10.85
CA THR A 134 12.00 28.66 11.22
C THR A 134 12.36 28.98 12.67
N GLU A 135 13.28 28.18 13.19
CA GLU A 135 13.85 28.33 14.52
C GLU A 135 15.35 28.09 14.42
N ALA A 136 16.11 28.72 15.31
CA ALA A 136 17.55 28.61 15.31
C ALA A 136 17.90 27.31 16.01
N VAL A 137 18.82 26.53 15.43
CA VAL A 137 19.08 25.20 15.92
C VAL A 137 20.55 24.84 15.69
N GLN A 138 21.20 24.36 16.75
CA GLN A 138 22.52 23.78 16.64
C GLN A 138 22.40 22.41 15.98
N ALA A 139 23.13 22.23 14.86
CA ALA A 139 23.07 21.02 14.06
C ALA A 139 24.48 20.61 13.66
N VAL A 140 24.65 19.31 13.36
CA VAL A 140 25.84 18.81 12.70
C VAL A 140 25.46 18.15 11.37
N GLN A 141 26.31 18.33 10.36
CA GLN A 141 26.14 17.62 9.11
C GLN A 141 26.60 16.19 9.30
N VAL A 142 25.81 15.25 8.78
CA VAL A 142 26.19 13.85 8.80
C VAL A 142 26.38 13.37 7.36
N ASN A 143 27.02 12.21 7.23
CA ASN A 143 27.35 11.64 5.93
C ASN A 143 26.07 11.01 5.36
N PRO A 144 25.57 11.46 4.18
CA PRO A 144 24.32 10.91 3.63
C PRO A 144 24.20 9.39 3.62
N THR A 145 25.31 8.70 3.31
CA THR A 145 25.33 7.24 3.22
C THR A 145 25.78 6.62 4.54
N ASN A 146 26.07 7.45 5.56
CA ASN A 146 26.29 6.96 6.91
C ASN A 146 25.95 8.06 7.92
N ARG A 147 24.72 8.01 8.42
CA ARG A 147 24.16 9.06 9.25
C ARG A 147 24.72 8.97 10.68
N TRP A 148 25.41 7.86 10.99
CA TRP A 148 26.17 7.72 12.21
C TRP A 148 27.36 8.69 12.25
N GLN A 149 27.83 9.14 11.09
CA GLN A 149 29.12 9.79 11.00
C GLN A 149 28.95 11.28 10.72
N ASP A 150 29.44 12.11 11.65
CA ASP A 150 29.42 13.55 11.43
C ASP A 150 30.49 13.93 10.44
N ILE A 151 30.24 14.96 9.63
CA ILE A 151 31.19 15.46 8.65
C ILE A 151 31.35 16.98 8.83
N SER A 152 30.76 17.54 9.90
CA SER A 152 31.05 18.91 10.33
C SER A 152 30.96 18.99 11.84
N GLY A 153 31.43 20.14 12.34
CA GLY A 153 31.23 20.51 13.73
C GLY A 153 29.83 21.10 13.89
N ALA A 154 29.40 21.24 15.14
CA ALA A 154 28.10 21.81 15.42
C ALA A 154 28.10 23.28 15.01
N TYR A 155 27.03 23.74 14.37
CA TYR A 155 26.86 25.16 14.10
C TYR A 155 25.37 25.44 14.04
N THR A 156 24.99 26.71 13.95
CA THR A 156 23.59 27.08 14.07
C THR A 156 23.01 27.22 12.67
N ILE A 157 21.96 26.42 12.43
CA ILE A 157 21.13 26.51 11.24
C ILE A 157 19.79 27.11 11.62
N ASP A 158 19.07 27.62 10.60
CA ASP A 158 17.66 27.92 10.70
C ASP A 158 16.84 26.78 10.12
N ALA A 159 15.97 26.15 10.93
CA ALA A 159 15.22 24.95 10.55
C ALA A 159 13.71 25.20 10.55
N TRP A 160 13.00 24.55 9.63
CA TRP A 160 11.57 24.75 9.48
C TRP A 160 10.82 23.81 10.42
N THR A 161 10.66 24.25 11.69
CA THR A 161 10.30 23.38 12.81
C THR A 161 9.10 23.92 13.59
N GLY A 162 8.70 25.16 13.35
CA GLY A 162 7.65 25.75 14.18
C GLY A 162 6.29 25.59 13.53
N PHE A 163 5.35 24.95 14.25
CA PHE A 163 4.01 24.70 13.79
C PHE A 163 3.00 25.17 14.82
N ASP A 164 2.15 26.11 14.40
CA ASP A 164 1.19 26.77 15.26
C ASP A 164 -0.24 26.53 14.82
N PHE A 165 -0.48 26.17 13.55
CA PHE A 165 -1.81 25.78 13.11
C PHE A 165 -2.80 26.92 13.25
N SER A 166 -2.41 28.10 12.76
CA SER A 166 -3.30 29.23 12.69
C SER A 166 -4.43 28.89 11.73
N GLY A 167 -5.67 29.11 12.13
CA GLY A 167 -6.81 28.70 11.31
C GLY A 167 -7.56 27.54 11.98
N ARG A 168 -6.85 26.59 12.57
CA ARG A 168 -7.52 25.57 13.36
C ARG A 168 -7.87 26.09 14.76
N ASN A 169 -6.96 26.91 15.32
CA ASN A 169 -7.18 27.66 16.55
C ASN A 169 -7.58 26.71 17.68
N ASN A 170 -6.76 25.65 17.84
CA ASN A 170 -6.81 24.70 18.92
C ASN A 170 -8.08 23.82 18.90
N ALA A 171 -8.79 23.74 17.78
CA ALA A 171 -9.78 22.70 17.65
C ALA A 171 -9.11 21.35 17.76
N TYR A 172 -9.64 20.50 18.66
CA TYR A 172 -9.27 19.10 18.80
C TYR A 172 -7.97 18.93 19.59
N SER A 173 -7.04 19.88 19.52
CA SER A 173 -5.71 19.68 20.08
C SER A 173 -5.03 21.03 20.09
N ASP A 174 -4.45 21.37 21.24
CA ASP A 174 -3.73 22.62 21.36
C ASP A 174 -2.23 22.35 21.28
N PHE A 175 -1.84 21.13 20.90
CA PHE A 175 -0.42 20.79 20.79
C PHE A 175 0.23 21.60 19.66
N LYS A 176 1.46 22.08 19.88
CA LYS A 176 2.22 22.83 18.89
C LYS A 176 3.61 22.23 18.77
N TRP A 177 4.13 22.17 17.54
CA TRP A 177 5.40 21.51 17.33
C TRP A 177 6.52 22.55 17.31
N ARG A 178 7.68 22.10 17.77
CA ARG A 178 8.85 22.95 17.89
C ARG A 178 10.01 22.06 17.54
N TRP A 179 11.17 22.69 17.35
CA TRP A 179 12.39 22.03 16.92
C TRP A 179 12.78 20.89 17.85
N PHE A 180 12.45 21.01 19.13
CA PHE A 180 12.94 20.05 20.12
C PHE A 180 12.07 18.79 20.09
N HIS A 181 11.07 18.76 19.22
CA HIS A 181 10.32 17.56 18.93
C HIS A 181 10.96 16.75 17.78
N PHE A 182 11.95 17.34 17.09
CA PHE A 182 12.59 16.77 15.92
C PHE A 182 14.08 16.51 16.20
N ASN A 183 14.75 15.79 15.31
CA ASN A 183 16.19 15.51 15.44
C ASN A 183 16.96 15.75 14.15
N GLY A 184 16.28 16.23 13.11
CA GLY A 184 16.94 16.37 11.83
C GLY A 184 16.06 17.05 10.78
N VAL A 185 16.75 17.72 9.85
CA VAL A 185 16.21 18.31 8.64
C VAL A 185 17.24 18.13 7.53
N ASP A 186 16.86 18.43 6.28
CA ASP A 186 17.74 18.32 5.11
C ASP A 186 17.91 19.67 4.42
N TRP A 187 17.43 20.75 5.05
CA TRP A 187 17.52 22.09 4.52
C TRP A 187 17.90 23.07 5.64
N ASP A 188 18.94 23.88 5.38
CA ASP A 188 19.33 24.96 6.27
C ASP A 188 18.90 26.29 5.64
N GLN A 189 17.93 26.98 6.25
CA GLN A 189 17.45 28.24 5.71
C GLN A 189 18.43 29.38 5.98
N ARG A 190 19.37 29.21 6.91
CA ARG A 190 20.28 30.29 7.28
C ARG A 190 21.21 30.54 6.10
N TYR A 191 22.02 29.53 5.75
CA TYR A 191 22.98 29.61 4.65
C TYR A 191 22.41 28.99 3.35
N GLN A 192 21.12 28.63 3.34
CA GLN A 192 20.42 28.06 2.19
C GLN A 192 21.22 26.93 1.52
N GLU A 193 21.28 25.78 2.19
CA GLU A 193 22.03 24.61 1.73
C GLU A 193 21.25 23.35 2.08
N ASN A 194 21.37 22.32 1.23
CA ASN A 194 20.87 20.98 1.50
C ASN A 194 22.00 20.20 2.13
N HIS A 195 21.78 19.64 3.33
CA HIS A 195 22.65 18.67 3.94
C HIS A 195 21.77 17.76 4.77
N ILE A 196 22.25 16.59 5.18
CA ILE A 196 21.52 15.82 6.17
C ILE A 196 22.04 16.29 7.54
N PHE A 197 21.12 16.80 8.35
CA PHE A 197 21.46 17.45 9.60
C PHE A 197 20.89 16.63 10.75
N ARG A 198 21.76 16.26 11.68
CA ARG A 198 21.32 15.86 13.01
C ARG A 198 21.46 17.06 13.95
N PHE A 199 20.41 17.29 14.75
CA PHE A 199 20.39 18.30 15.78
C PHE A 199 21.43 17.94 16.85
N ALA A 200 22.39 18.85 17.12
CA ALA A 200 23.45 18.53 18.07
C ALA A 200 22.79 18.12 19.38
N ASN A 201 23.38 17.13 20.06
CA ASN A 201 22.82 16.65 21.31
C ASN A 201 21.39 16.11 21.14
N THR A 202 21.04 15.58 19.95
CA THR A 202 19.92 14.66 19.80
C THR A 202 20.49 13.38 19.21
N ASN A 203 19.80 12.26 19.40
CA ASN A 203 20.15 11.00 18.77
C ASN A 203 19.22 10.69 17.60
N TRP A 204 19.76 10.04 16.57
CA TRP A 204 18.91 9.36 15.60
C TRP A 204 18.04 8.37 16.34
N ASN A 205 16.82 8.16 15.84
CA ASN A 205 15.91 7.18 16.41
C ASN A 205 16.54 5.81 16.31
N TRP A 206 16.01 4.87 17.11
CA TRP A 206 16.48 3.49 17.16
C TRP A 206 15.47 2.64 17.93
N ARG A 207 15.25 1.40 17.50
CA ARG A 207 15.85 0.82 16.29
C ARG A 207 15.08 1.18 15.02
N VAL A 208 15.87 1.35 13.95
CA VAL A 208 15.41 1.64 12.60
C VAL A 208 16.25 0.83 11.61
N ASP A 209 15.79 0.82 10.36
CA ASP A 209 16.52 0.25 9.24
C ASP A 209 17.92 0.84 9.20
N GLU A 210 18.87 0.01 8.77
CA GLU A 210 20.27 0.32 8.91
C GLU A 210 20.94 0.54 7.56
N GLU A 211 20.15 0.74 6.51
CA GLU A 211 20.75 1.28 5.28
C GLU A 211 21.13 2.76 5.46
N ASN A 212 22.29 3.14 4.93
CA ASN A 212 22.95 4.38 5.27
C ASN A 212 23.22 4.45 6.77
N GLY A 213 23.54 3.30 7.37
CA GLY A 213 23.92 3.21 8.78
C GLY A 213 22.70 3.29 9.70
N ASN A 214 22.06 4.47 9.69
CA ASN A 214 20.79 4.69 10.37
C ASN A 214 19.86 5.40 9.39
N TYR A 215 18.69 4.81 9.14
CA TYR A 215 17.81 5.32 8.10
C TYR A 215 16.63 6.05 8.73
N ASP A 216 16.87 6.67 9.88
CA ASP A 216 15.80 7.35 10.60
C ASP A 216 15.32 8.53 9.75
N TYR A 217 16.28 9.28 9.21
CA TYR A 217 15.99 10.51 8.49
C TYR A 217 15.68 10.18 7.04
N LEU A 218 14.52 10.68 6.55
CA LEU A 218 14.14 10.55 5.15
C LEU A 218 14.02 11.92 4.49
N LEU A 219 13.09 12.73 4.98
CA LEU A 219 12.79 14.04 4.40
C LEU A 219 12.15 14.91 5.48
N GLY A 220 12.04 16.23 5.18
CA GLY A 220 11.30 17.16 6.01
C GLY A 220 11.94 17.30 7.38
N SER A 221 11.11 17.60 8.40
CA SER A 221 11.57 17.63 9.78
C SER A 221 11.21 16.29 10.41
N ASN A 222 12.24 15.56 10.82
CA ASN A 222 12.11 14.18 11.25
C ASN A 222 11.77 14.09 12.74
N ILE A 223 10.68 13.38 13.05
CA ILE A 223 10.14 13.30 14.40
C ILE A 223 11.01 12.42 15.29
N ASP A 224 11.28 12.93 16.50
CA ASP A 224 12.12 12.27 17.49
C ASP A 224 11.20 11.63 18.53
N PHE A 225 11.10 10.29 18.51
CA PHE A 225 10.17 9.57 19.38
C PHE A 225 10.69 9.38 20.82
N SER A 226 11.96 9.75 21.10
CA SER A 226 12.51 9.73 22.46
C SER A 226 11.70 10.60 23.43
N HIS A 227 11.05 11.67 22.96
CA HIS A 227 10.30 12.59 23.80
C HIS A 227 8.91 12.04 24.12
N PRO A 228 8.56 11.79 25.40
CA PRO A 228 7.19 11.44 25.78
C PRO A 228 6.00 12.27 25.33
N GLU A 229 6.19 13.58 25.20
CA GLU A 229 5.16 14.49 24.70
C GLU A 229 4.76 14.06 23.28
N VAL A 230 5.75 13.61 22.50
CA VAL A 230 5.57 13.21 21.12
C VAL A 230 4.86 11.85 21.04
N GLN A 231 5.41 10.85 21.73
CA GLN A 231 4.79 9.55 21.89
C GLN A 231 3.30 9.66 22.19
N ASP A 232 2.97 10.51 23.16
CA ASP A 232 1.60 10.67 23.60
C ASP A 232 0.76 11.43 22.58
N GLU A 233 1.38 12.38 21.88
CA GLU A 233 0.63 13.23 20.96
C GLU A 233 0.11 12.37 19.79
N LEU A 234 0.97 11.53 19.23
CA LEU A 234 0.62 10.76 18.03
C LEU A 234 -0.28 9.58 18.38
N LYS A 235 -0.18 9.10 19.63
CA LYS A 235 -1.15 8.16 20.17
C LYS A 235 -2.53 8.81 20.27
N ASP A 236 -2.60 10.01 20.82
CA ASP A 236 -3.86 10.71 20.98
C ASP A 236 -4.42 11.16 19.62
N TRP A 237 -3.55 11.70 18.76
CA TRP A 237 -3.98 12.04 17.40
C TRP A 237 -4.52 10.78 16.71
N GLY A 238 -3.74 9.69 16.76
CA GLY A 238 -4.14 8.36 16.29
C GLY A 238 -5.58 8.01 16.64
N SER A 239 -5.93 8.18 17.91
CA SER A 239 -7.23 7.71 18.40
C SER A 239 -8.31 8.72 18.02
N TRP A 240 -7.95 10.00 18.02
CA TRP A 240 -8.87 11.05 17.57
C TRP A 240 -9.31 10.79 16.13
N PHE A 241 -8.33 10.50 15.27
CA PHE A 241 -8.54 10.29 13.84
C PHE A 241 -9.41 9.06 13.58
N THR A 242 -9.08 7.97 14.30
CA THR A 242 -9.76 6.69 14.15
C THR A 242 -11.22 6.90 14.50
N ASP A 243 -11.49 7.66 15.57
CA ASP A 243 -12.84 7.90 16.02
C ASP A 243 -13.55 8.88 15.11
N GLU A 244 -12.83 9.86 14.56
CA GLU A 244 -13.45 10.89 13.76
C GLU A 244 -14.00 10.33 12.44
N LEU A 245 -13.21 9.46 11.78
CA LEU A 245 -13.52 8.87 10.48
C LEU A 245 -14.14 7.46 10.57
N ASP A 246 -14.16 6.89 11.79
CA ASP A 246 -14.68 5.57 12.08
C ASP A 246 -13.87 4.53 11.30
N LEU A 247 -12.55 4.58 11.44
CA LEU A 247 -11.68 3.81 10.57
C LEU A 247 -11.78 2.33 10.96
N ASP A 248 -11.39 1.46 10.03
CA ASP A 248 -11.39 0.02 10.22
C ASP A 248 -9.95 -0.45 10.20
N GLY A 249 -9.03 0.50 10.10
CA GLY A 249 -7.63 0.15 9.91
C GLY A 249 -6.83 1.27 9.27
N TYR A 250 -5.58 0.94 9.01
CA TYR A 250 -4.57 1.93 8.66
C TYR A 250 -3.58 1.30 7.70
N ARG A 251 -3.03 2.14 6.83
CA ARG A 251 -1.73 1.87 6.26
C ARG A 251 -0.70 2.76 6.96
N LEU A 252 0.40 2.17 7.41
CA LEU A 252 1.45 2.90 8.10
C LEU A 252 2.61 3.07 7.15
N ASP A 253 2.80 4.29 6.65
CA ASP A 253 3.88 4.59 5.71
C ASP A 253 5.19 4.83 6.45
N ALA A 254 6.29 4.51 5.76
CA ALA A 254 7.64 4.81 6.18
C ALA A 254 8.02 4.15 7.51
N ILE A 255 7.47 2.96 7.83
CA ILE A 255 7.68 2.34 9.14
C ILE A 255 9.09 1.78 9.29
N LYS A 256 9.90 1.82 8.24
CA LYS A 256 11.28 1.41 8.35
C LYS A 256 12.15 2.57 8.81
N HIS A 257 11.54 3.76 8.88
CA HIS A 257 12.26 4.98 9.27
C HIS A 257 11.77 5.47 10.63
N ILE A 258 10.75 4.81 11.17
CA ILE A 258 10.17 5.09 12.46
C ILE A 258 10.66 4.03 13.44
N PRO A 259 11.06 4.41 14.68
CA PRO A 259 11.54 3.44 15.66
C PRO A 259 10.54 2.30 15.86
N PHE A 260 11.03 1.05 15.82
CA PHE A 260 10.17 -0.13 15.85
C PHE A 260 9.32 -0.21 17.12
N TRP A 261 9.92 0.11 18.26
CA TRP A 261 9.23 -0.05 19.52
C TRP A 261 8.02 0.86 19.54
N TYR A 262 8.14 2.03 18.90
CA TYR A 262 7.06 3.00 18.95
C TYR A 262 5.91 2.55 18.04
N THR A 263 6.21 2.10 16.83
CA THR A 263 5.12 1.64 15.97
C THR A 263 4.33 0.56 16.73
N SER A 264 5.05 -0.38 17.37
CA SER A 264 4.39 -1.43 18.15
C SER A 264 3.51 -0.82 19.26
N ASP A 265 4.08 0.13 20.03
CA ASP A 265 3.33 0.77 21.10
C ASP A 265 2.11 1.47 20.51
N TRP A 266 2.32 2.19 19.38
CA TRP A 266 1.25 2.95 18.76
C TRP A 266 0.10 2.02 18.36
N VAL A 267 0.42 0.89 17.70
CA VAL A 267 -0.62 -0.02 17.24
C VAL A 267 -1.41 -0.56 18.43
N ARG A 268 -0.67 -1.00 19.47
CA ARG A 268 -1.30 -1.55 20.67
C ARG A 268 -2.23 -0.53 21.29
N HIS A 269 -1.74 0.70 21.42
CA HIS A 269 -2.56 1.80 21.91
C HIS A 269 -3.87 1.93 21.13
N GLN A 270 -3.84 1.90 19.78
CA GLN A 270 -5.06 2.16 19.03
C GLN A 270 -6.10 1.04 19.20
N ARG A 271 -5.62 -0.21 19.19
CA ARG A 271 -6.49 -1.37 19.45
C ARG A 271 -7.17 -1.28 20.81
N ASN A 272 -6.42 -0.86 21.85
CA ASN A 272 -6.98 -0.55 23.16
C ASN A 272 -8.12 0.47 23.06
N GLU A 273 -7.82 1.61 22.41
CA GLU A 273 -8.74 2.73 22.45
C GLU A 273 -9.97 2.44 21.61
N ALA A 274 -9.86 1.59 20.59
CA ALA A 274 -10.95 1.43 19.64
C ALA A 274 -11.77 0.17 19.96
N ASP A 275 -13.11 0.32 19.96
CA ASP A 275 -14.04 -0.80 20.06
C ASP A 275 -14.02 -1.72 18.83
N GLN A 276 -13.84 -1.14 17.63
CA GLN A 276 -13.86 -1.91 16.38
C GLN A 276 -12.50 -2.59 16.20
N ASP A 277 -12.50 -3.67 15.40
CA ASP A 277 -11.28 -4.35 15.01
C ASP A 277 -10.54 -3.40 14.07
N LEU A 278 -9.23 -3.46 14.10
CA LEU A 278 -8.41 -2.57 13.33
C LEU A 278 -7.43 -3.43 12.56
N PHE A 279 -7.50 -3.37 11.22
CA PHE A 279 -6.53 -4.02 10.36
C PHE A 279 -5.39 -3.04 10.12
N VAL A 280 -4.17 -3.56 10.11
CA VAL A 280 -3.00 -2.71 10.11
C VAL A 280 -2.03 -3.28 9.11
N VAL A 281 -1.65 -2.47 8.12
CA VAL A 281 -0.66 -2.88 7.15
C VAL A 281 0.41 -1.82 7.11
N GLY A 282 1.66 -2.27 7.18
CA GLY A 282 2.78 -1.37 7.24
C GLY A 282 3.53 -1.44 5.94
N GLU A 283 4.05 -0.28 5.51
CA GLU A 283 5.00 -0.30 4.43
C GLU A 283 6.43 -0.24 4.96
N TYR A 284 7.09 -1.41 4.95
CA TYR A 284 8.53 -1.58 5.08
C TYR A 284 9.08 -1.76 3.68
N TRP A 285 9.52 -0.65 3.08
CA TRP A 285 9.90 -0.69 1.68
C TRP A 285 11.30 -1.25 1.54
N LYS A 286 11.41 -2.59 1.40
CA LYS A 286 12.71 -3.16 1.07
C LYS A 286 12.53 -4.42 0.21
N ASP A 287 13.47 -4.61 -0.74
CA ASP A 287 13.41 -5.77 -1.61
C ASP A 287 14.13 -6.91 -0.92
N ASP A 288 13.61 -7.35 0.23
CA ASP A 288 14.36 -8.23 1.12
C ASP A 288 13.43 -8.76 2.20
N VAL A 289 12.94 -9.98 2.01
CA VAL A 289 11.87 -10.46 2.86
C VAL A 289 12.38 -10.67 4.29
N GLY A 290 13.68 -10.98 4.41
CA GLY A 290 14.30 -11.15 5.71
C GLY A 290 14.13 -9.89 6.57
N ALA A 291 14.43 -8.75 5.95
CA ALA A 291 14.28 -7.44 6.57
C ALA A 291 12.83 -7.28 7.05
N LEU A 292 11.88 -7.69 6.21
CA LEU A 292 10.46 -7.61 6.53
C LEU A 292 10.13 -8.54 7.70
N GLU A 293 10.74 -9.74 7.72
CA GLU A 293 10.37 -10.76 8.70
C GLU A 293 10.83 -10.35 10.10
N PHE A 294 12.07 -9.88 10.17
CA PHE A 294 12.62 -9.22 11.33
C PHE A 294 11.66 -8.15 11.85
N TYR A 295 11.22 -7.25 10.96
CA TYR A 295 10.29 -6.23 11.38
C TYR A 295 9.08 -6.91 12.03
N LEU A 296 8.62 -8.00 11.41
CA LEU A 296 7.41 -8.65 11.88
C LEU A 296 7.67 -9.39 13.20
N ASP A 297 8.93 -9.86 13.38
CA ASP A 297 9.37 -10.39 14.66
C ASP A 297 9.26 -9.30 15.73
N GLU A 298 9.99 -8.20 15.54
CA GLU A 298 9.90 -7.03 16.40
C GLU A 298 8.44 -6.63 16.69
N MET A 299 7.50 -6.79 15.74
CA MET A 299 6.12 -6.34 15.97
C MET A 299 5.25 -7.40 16.66
N ASN A 300 5.82 -8.61 16.84
CA ASN A 300 5.07 -9.75 17.34
C ASN A 300 3.90 -10.10 16.42
N TRP A 301 4.09 -9.93 15.11
CA TRP A 301 3.16 -10.42 14.10
C TRP A 301 1.76 -9.83 14.34
N GLU A 302 1.75 -8.54 14.72
CA GLU A 302 0.53 -7.84 15.04
C GLU A 302 0.05 -6.96 13.89
N MET A 303 0.69 -7.10 12.73
CA MET A 303 0.21 -6.43 11.54
C MET A 303 0.63 -7.22 10.29
N SER A 304 0.13 -6.82 9.11
CA SER A 304 0.72 -7.22 7.84
C SER A 304 1.67 -6.17 7.27
N LEU A 305 2.48 -6.63 6.32
CA LEU A 305 3.32 -5.75 5.52
C LEU A 305 2.89 -5.85 4.06
N PHE A 306 3.18 -4.80 3.28
CA PHE A 306 3.11 -4.82 1.84
C PHE A 306 4.24 -5.73 1.34
N ASP A 307 3.91 -6.55 0.34
CA ASP A 307 4.86 -7.51 -0.20
C ASP A 307 5.74 -6.86 -1.27
N VAL A 308 6.72 -6.10 -0.80
CA VAL A 308 7.57 -5.30 -1.67
C VAL A 308 8.49 -6.18 -2.54
N PRO A 309 9.06 -7.30 -2.03
CA PRO A 309 9.88 -8.15 -2.91
C PRO A 309 9.09 -8.72 -4.08
N LEU A 310 7.82 -9.06 -3.84
CA LEU A 310 6.97 -9.53 -4.91
C LEU A 310 6.78 -8.41 -5.95
N ASN A 311 6.51 -7.17 -5.50
CA ASN A 311 6.48 -6.01 -6.38
C ASN A 311 7.68 -6.07 -7.31
N TYR A 312 8.86 -6.26 -6.73
CA TYR A 312 10.10 -6.28 -7.49
C TYR A 312 10.24 -7.54 -8.33
N ASN A 313 9.63 -8.66 -7.92
CA ASN A 313 9.62 -9.87 -8.77
C ASN A 313 8.88 -9.57 -10.08
N PHE A 314 7.66 -9.05 -9.95
CA PHE A 314 6.83 -8.64 -11.07
C PHE A 314 7.57 -7.66 -11.97
N TYR A 315 8.29 -6.72 -11.37
CA TYR A 315 8.99 -5.70 -12.13
C TYR A 315 10.20 -6.29 -12.83
N ARG A 316 10.94 -7.20 -12.18
CA ARG A 316 12.01 -7.90 -12.89
C ARG A 316 11.47 -8.67 -14.12
N ALA A 317 10.34 -9.36 -13.92
CA ALA A 317 9.67 -10.12 -14.97
C ALA A 317 9.23 -9.21 -16.12
N SER A 318 8.53 -8.14 -15.77
CA SER A 318 8.11 -7.13 -16.73
C SER A 318 9.31 -6.64 -17.53
N GLN A 319 10.42 -6.39 -16.86
CA GLN A 319 11.54 -5.74 -17.54
C GLN A 319 12.34 -6.73 -18.38
N GLN A 320 12.45 -7.96 -17.91
CA GLN A 320 13.32 -8.93 -18.56
C GLN A 320 12.65 -9.56 -19.78
N GLY A 321 11.33 -9.67 -19.76
CA GLY A 321 10.64 -10.37 -20.84
C GLY A 321 10.60 -11.88 -20.58
N GLY A 322 10.41 -12.68 -21.64
CA GLY A 322 10.09 -14.10 -21.52
C GLY A 322 11.28 -14.95 -21.05
N SER A 323 12.49 -14.40 -21.18
CA SER A 323 13.65 -15.08 -20.66
C SER A 323 13.55 -15.24 -19.15
N TYR A 324 12.74 -14.44 -18.45
CA TYR A 324 12.54 -14.61 -17.01
C TYR A 324 11.95 -16.01 -16.75
N ASP A 325 12.53 -16.71 -15.76
CA ASP A 325 12.07 -18.05 -15.41
C ASP A 325 10.91 -17.98 -14.45
N MET A 326 9.72 -18.31 -14.93
CA MET A 326 8.49 -18.07 -14.19
C MET A 326 8.35 -18.95 -12.96
N ARG A 327 9.21 -19.96 -12.83
CA ARG A 327 9.20 -20.75 -11.61
C ARG A 327 9.61 -19.89 -10.41
N ASN A 328 10.41 -18.83 -10.62
CA ASN A 328 10.81 -17.94 -9.53
C ASN A 328 9.82 -16.81 -9.22
N ILE A 329 8.64 -16.76 -9.84
CA ILE A 329 7.85 -15.55 -9.74
C ILE A 329 7.48 -15.27 -8.28
N LEU A 330 7.28 -16.30 -7.43
CA LEU A 330 6.93 -16.10 -6.03
C LEU A 330 8.13 -16.15 -5.06
N ARG A 331 9.33 -16.37 -5.59
CA ARG A 331 10.46 -16.74 -4.76
C ARG A 331 11.07 -15.47 -4.15
N GLY A 332 11.11 -15.45 -2.80
CA GLY A 332 11.70 -14.35 -2.06
C GLY A 332 10.61 -13.40 -1.56
N SER A 333 9.37 -13.79 -1.82
CA SER A 333 8.23 -12.92 -1.64
C SER A 333 7.78 -13.07 -0.21
N LEU A 334 7.15 -12.04 0.36
CA LEU A 334 6.53 -12.20 1.65
C LEU A 334 5.42 -13.24 1.61
N VAL A 335 4.61 -13.29 0.52
CA VAL A 335 3.37 -14.08 0.57
C VAL A 335 3.68 -15.60 0.61
N GLU A 336 4.74 -16.02 -0.09
CA GLU A 336 5.27 -17.37 -0.03
C GLU A 336 5.44 -17.84 1.43
N ALA A 337 6.03 -16.98 2.28
CA ALA A 337 6.49 -17.32 3.62
C ALA A 337 5.43 -17.06 4.68
N HIS A 338 4.68 -15.95 4.54
CA HIS A 338 3.70 -15.59 5.57
C HIS A 338 2.44 -15.04 4.92
N PRO A 339 1.62 -15.87 4.25
CA PRO A 339 0.51 -15.38 3.43
C PRO A 339 -0.49 -14.62 4.28
N MET A 340 -0.54 -14.96 5.57
CA MET A 340 -1.49 -14.33 6.45
C MET A 340 -0.99 -12.94 6.86
N HIS A 341 0.29 -12.62 6.64
CA HIS A 341 0.86 -11.32 7.02
C HIS A 341 1.31 -10.53 5.79
N ALA A 342 0.76 -10.85 4.61
CA ALA A 342 1.24 -10.23 3.38
C ALA A 342 0.13 -9.44 2.70
N VAL A 343 0.42 -8.20 2.29
CA VAL A 343 -0.51 -7.45 1.46
C VAL A 343 0.13 -7.35 0.08
N THR A 344 -0.51 -8.03 -0.89
CA THR A 344 0.09 -8.19 -2.20
C THR A 344 -0.44 -7.08 -3.12
N PHE A 345 0.35 -6.71 -4.10
CA PHE A 345 0.03 -5.60 -4.98
C PHE A 345 0.97 -5.64 -6.15
N VAL A 346 0.59 -4.96 -7.25
CA VAL A 346 1.38 -4.91 -8.48
C VAL A 346 2.08 -3.56 -8.59
N ASP A 347 1.40 -2.47 -8.18
CA ASP A 347 1.96 -1.14 -8.33
C ASP A 347 1.22 -0.17 -7.42
N ASN A 348 1.85 0.96 -7.13
CA ASN A 348 1.18 1.98 -6.36
C ASN A 348 1.63 3.36 -6.84
N HIS A 349 1.30 4.38 -6.04
CA HIS A 349 1.54 5.79 -6.37
C HIS A 349 3.02 6.12 -6.41
N ASP A 350 3.89 5.27 -5.85
CA ASP A 350 5.32 5.48 -5.87
C ASP A 350 6.03 4.64 -6.92
N THR A 351 5.40 3.53 -7.39
CA THR A 351 6.02 2.68 -8.39
C THR A 351 5.63 3.16 -9.79
N GLN A 352 4.61 4.02 -9.86
CA GLN A 352 4.10 4.48 -11.15
C GLN A 352 5.16 5.31 -11.86
N PRO A 353 5.05 5.45 -13.19
CA PRO A 353 6.11 6.07 -13.98
C PRO A 353 6.50 7.47 -13.46
N GLY A 354 7.82 7.67 -13.43
CA GLY A 354 8.47 8.88 -12.97
C GLY A 354 8.45 9.06 -11.44
N GLU A 355 7.97 8.09 -10.67
CA GLU A 355 7.86 8.32 -9.23
C GLU A 355 9.06 7.75 -8.49
N SER A 356 9.10 7.97 -7.17
CA SER A 356 10.33 7.83 -6.42
C SER A 356 10.78 6.37 -6.36
N LEU A 357 9.84 5.42 -6.38
CA LEU A 357 10.16 4.01 -6.21
C LEU A 357 9.75 3.23 -7.45
N GLU A 358 10.05 3.85 -8.60
CA GLU A 358 9.47 3.45 -9.87
C GLU A 358 9.85 1.99 -10.12
N SER A 359 8.83 1.15 -10.30
CA SER A 359 9.03 -0.26 -10.56
C SER A 359 7.74 -0.78 -11.25
N TRP A 360 7.48 -0.19 -12.42
CA TRP A 360 6.15 -0.21 -13.01
C TRP A 360 6.01 -1.50 -13.81
N VAL A 361 4.90 -2.19 -13.61
CA VAL A 361 4.65 -3.40 -14.37
C VAL A 361 3.97 -2.98 -15.66
N ALA A 362 4.68 -3.18 -16.77
CA ALA A 362 4.17 -2.92 -18.10
C ALA A 362 2.84 -3.64 -18.34
N ASP A 363 2.08 -3.11 -19.30
CA ASP A 363 0.73 -3.58 -19.63
C ASP A 363 0.73 -5.07 -19.98
N TRP A 364 1.76 -5.57 -20.71
CA TRP A 364 1.77 -6.95 -21.17
C TRP A 364 1.85 -7.95 -20.00
N PHE A 365 2.61 -7.60 -18.95
CA PHE A 365 2.81 -8.48 -17.81
C PHE A 365 1.72 -8.28 -16.76
N LYS A 366 1.02 -7.15 -16.83
CA LYS A 366 0.20 -6.70 -15.71
C LYS A 366 -0.95 -7.66 -15.42
N PRO A 367 -1.60 -8.26 -16.44
CA PRO A 367 -2.67 -9.22 -16.16
C PRO A 367 -2.15 -10.46 -15.42
N LEU A 368 -0.93 -10.90 -15.75
CA LEU A 368 -0.33 -12.08 -15.11
C LEU A 368 -0.12 -11.79 -13.61
N ALA A 369 0.47 -10.63 -13.32
CA ALA A 369 0.70 -10.19 -11.95
C ALA A 369 -0.61 -10.07 -11.20
N TYR A 370 -1.64 -9.50 -11.81
CA TYR A 370 -2.91 -9.36 -11.11
C TYR A 370 -3.52 -10.74 -10.83
N ALA A 371 -3.47 -11.68 -11.79
CA ALA A 371 -3.98 -13.03 -11.57
C ALA A 371 -3.27 -13.73 -10.41
N THR A 372 -1.95 -13.54 -10.31
CA THR A 372 -1.16 -14.10 -9.23
C THR A 372 -1.67 -13.67 -7.85
N ILE A 373 -2.05 -12.41 -7.67
CA ILE A 373 -2.45 -11.94 -6.35
C ILE A 373 -3.94 -12.08 -6.15
N LEU A 374 -4.77 -12.18 -7.22
CA LEU A 374 -6.20 -12.24 -6.97
C LEU A 374 -6.75 -13.68 -6.88
N THR A 375 -6.13 -14.64 -7.56
CA THR A 375 -6.72 -15.99 -7.68
C THR A 375 -6.07 -17.02 -6.74
N ARG A 376 -4.99 -16.68 -6.05
CA ARG A 376 -4.31 -17.61 -5.15
C ARG A 376 -4.77 -17.38 -3.72
N GLU A 377 -4.49 -18.37 -2.84
CA GLU A 377 -5.21 -18.45 -1.57
C GLU A 377 -4.56 -17.52 -0.53
N GLY A 378 -3.25 -17.30 -0.65
CA GLY A 378 -2.48 -16.51 0.29
C GLY A 378 -2.43 -15.02 -0.07
N GLY A 379 -2.18 -14.19 0.94
CA GLY A 379 -2.11 -12.75 0.73
C GLY A 379 -3.47 -12.09 0.83
N TYR A 380 -3.43 -10.79 1.14
CA TYR A 380 -4.61 -9.94 1.06
C TYR A 380 -4.30 -8.98 -0.07
N PRO A 381 -4.95 -9.13 -1.25
CA PRO A 381 -4.54 -8.34 -2.41
C PRO A 381 -5.12 -6.93 -2.45
N ASN A 382 -4.36 -6.06 -3.10
CA ASN A 382 -4.66 -4.64 -3.24
C ASN A 382 -4.66 -4.28 -4.73
N VAL A 383 -5.77 -3.70 -5.19
CA VAL A 383 -5.85 -3.14 -6.54
C VAL A 383 -5.48 -1.64 -6.54
N PHE A 384 -4.66 -1.24 -7.52
CA PHE A 384 -4.19 0.12 -7.67
C PHE A 384 -5.14 0.92 -8.56
N TYR A 385 -5.75 1.98 -8.00
CA TYR A 385 -6.58 2.96 -8.71
C TYR A 385 -6.06 3.28 -10.11
N GLY A 386 -4.74 3.50 -10.22
CA GLY A 386 -4.11 3.91 -11.45
C GLY A 386 -4.24 2.86 -12.56
N ASP A 387 -4.28 1.59 -12.17
CA ASP A 387 -4.48 0.49 -13.09
C ASP A 387 -5.95 0.33 -13.41
N TYR A 388 -6.80 0.45 -12.40
CA TYR A 388 -8.24 0.29 -12.56
C TYR A 388 -8.82 1.39 -13.46
N TYR A 389 -8.42 2.65 -13.23
CA TYR A 389 -9.06 3.80 -13.88
C TYR A 389 -8.12 4.48 -14.88
N GLY A 390 -6.85 4.09 -14.93
CA GLY A 390 -5.87 4.70 -15.82
C GLY A 390 -5.10 5.84 -15.15
N ILE A 391 -3.99 6.21 -15.78
CA ILE A 391 -3.13 7.33 -15.38
C ILE A 391 -3.00 8.24 -16.60
N PRO A 392 -3.98 9.13 -16.81
CA PRO A 392 -3.96 10.03 -17.96
C PRO A 392 -2.65 10.79 -18.14
N ASN A 393 -2.05 11.22 -17.04
CA ASN A 393 -0.82 12.01 -17.11
C ASN A 393 0.20 11.31 -18.01
N ASP A 394 0.17 9.97 -18.04
CA ASP A 394 1.19 9.20 -18.73
C ASP A 394 0.58 8.33 -19.84
N ASN A 395 -0.65 8.64 -20.27
CA ASN A 395 -1.35 7.89 -21.31
C ASN A 395 -1.40 6.40 -20.96
N ILE A 396 -1.65 6.07 -19.69
CA ILE A 396 -1.85 4.69 -19.27
C ILE A 396 -3.35 4.41 -19.21
N SER A 397 -3.75 3.37 -19.95
CA SER A 397 -5.15 2.99 -20.09
C SER A 397 -5.71 2.41 -18.80
N ALA A 398 -7.01 2.64 -18.64
CA ALA A 398 -7.83 1.96 -17.66
C ALA A 398 -7.89 0.48 -17.99
N LYS A 399 -7.61 -0.37 -16.98
CA LYS A 399 -7.63 -1.82 -17.17
C LYS A 399 -8.79 -2.42 -16.38
N LYS A 400 -9.84 -1.62 -16.21
CA LYS A 400 -11.00 -1.97 -15.40
C LYS A 400 -11.59 -3.32 -15.81
N ASP A 401 -11.65 -3.62 -17.10
CA ASP A 401 -12.38 -4.81 -17.51
C ASP A 401 -11.55 -6.04 -17.18
N MET A 402 -10.25 -5.97 -17.48
CA MET A 402 -9.34 -7.05 -17.17
C MET A 402 -9.38 -7.35 -15.67
N ILE A 403 -9.38 -6.28 -14.87
CA ILE A 403 -9.28 -6.42 -13.43
C ILE A 403 -10.62 -6.95 -12.91
N ASP A 404 -11.73 -6.44 -13.45
CA ASP A 404 -13.06 -6.88 -13.03
C ASP A 404 -13.28 -8.40 -13.19
N GLU A 405 -12.67 -8.99 -14.22
CA GLU A 405 -12.83 -10.41 -14.50
C GLU A 405 -12.08 -11.21 -13.44
N LEU A 406 -10.89 -10.69 -13.08
CA LEU A 406 -10.07 -11.29 -12.04
C LEU A 406 -10.75 -11.12 -10.69
N LEU A 407 -11.43 -10.00 -10.47
CA LEU A 407 -12.23 -9.81 -9.27
C LEU A 407 -13.40 -10.79 -9.24
N ASP A 408 -14.03 -11.03 -10.39
CA ASP A 408 -15.11 -12.02 -10.50
C ASP A 408 -14.57 -13.37 -10.05
N ALA A 409 -13.40 -13.74 -10.63
CA ALA A 409 -12.73 -14.97 -10.27
C ALA A 409 -12.53 -15.05 -8.76
N ARG A 410 -12.00 -13.99 -8.14
CA ARG A 410 -11.60 -14.00 -6.74
C ARG A 410 -12.82 -14.17 -5.83
N GLN A 411 -13.83 -13.36 -6.08
CA GLN A 411 -14.99 -13.24 -5.22
C GLN A 411 -15.89 -14.46 -5.37
N ASN A 412 -15.99 -15.04 -6.58
CA ASN A 412 -17.02 -16.04 -6.80
C ASN A 412 -16.43 -17.42 -7.05
N TYR A 413 -15.15 -17.54 -7.36
CA TYR A 413 -14.60 -18.81 -7.80
C TYR A 413 -13.34 -19.26 -7.08
N ALA A 414 -12.57 -18.35 -6.46
CA ALA A 414 -11.27 -18.73 -5.89
C ALA A 414 -11.41 -19.18 -4.43
N TYR A 415 -12.01 -20.36 -4.25
CA TYR A 415 -12.21 -21.02 -2.97
C TYR A 415 -11.70 -22.46 -3.02
N GLY A 416 -11.54 -23.07 -1.83
CA GLY A 416 -11.25 -24.50 -1.70
C GLY A 416 -9.78 -24.81 -1.90
N THR A 417 -9.42 -26.09 -1.80
CA THR A 417 -8.04 -26.53 -1.84
C THR A 417 -7.33 -26.09 -3.14
N GLN A 418 -6.03 -25.79 -3.01
CA GLN A 418 -5.26 -25.16 -4.07
C GLN A 418 -4.11 -26.08 -4.45
N HIS A 419 -3.81 -26.14 -5.76
CA HIS A 419 -2.75 -26.97 -6.30
C HIS A 419 -1.87 -26.13 -7.21
N ASP A 420 -0.56 -26.25 -7.06
CA ASP A 420 0.34 -25.34 -7.73
C ASP A 420 1.19 -26.07 -8.73
N TYR A 421 1.54 -25.37 -9.82
CA TYR A 421 2.28 -25.93 -10.93
C TYR A 421 3.24 -24.88 -11.46
N PHE A 422 4.27 -24.60 -10.64
CA PHE A 422 5.41 -23.79 -11.06
C PHE A 422 6.47 -24.72 -11.61
N ASP A 423 6.21 -25.32 -12.79
CA ASP A 423 7.02 -26.45 -13.22
C ASP A 423 7.60 -26.26 -14.61
N HIS A 424 7.44 -25.07 -15.21
CA HIS A 424 8.08 -24.77 -16.48
C HIS A 424 8.47 -23.30 -16.43
N TRP A 425 9.46 -22.94 -17.22
CA TRP A 425 10.08 -21.63 -17.19
C TRP A 425 9.21 -20.58 -17.88
N ASP A 426 8.31 -21.02 -18.77
CA ASP A 426 7.40 -20.12 -19.46
C ASP A 426 6.01 -20.25 -18.85
N VAL A 427 5.50 -21.48 -18.78
CA VAL A 427 4.09 -21.71 -18.52
C VAL A 427 3.88 -22.20 -17.10
N VAL A 428 2.97 -21.56 -16.31
CA VAL A 428 2.73 -21.99 -14.94
C VAL A 428 1.26 -21.81 -14.66
N GLY A 429 0.81 -22.42 -13.57
CA GLY A 429 -0.56 -22.23 -13.16
C GLY A 429 -0.87 -22.83 -11.79
N TRP A 430 -2.16 -22.82 -11.44
CA TRP A 430 -2.63 -23.33 -10.18
C TRP A 430 -4.13 -23.53 -10.30
N THR A 431 -4.70 -24.30 -9.39
CA THR A 431 -6.12 -24.51 -9.37
C THR A 431 -6.67 -24.33 -7.97
N ARG A 432 -7.99 -24.09 -7.92
CA ARG A 432 -8.77 -24.15 -6.70
C ARG A 432 -9.95 -25.10 -6.97
N GLU A 433 -10.22 -26.03 -6.03
CA GLU A 433 -11.14 -27.13 -6.27
C GLU A 433 -12.56 -26.65 -6.07
N GLY A 434 -12.71 -25.43 -5.51
CA GLY A 434 -14.02 -24.95 -5.14
C GLY A 434 -14.34 -25.44 -3.72
N SER A 435 -15.45 -24.95 -3.15
CA SER A 435 -15.96 -25.41 -1.87
C SER A 435 -17.48 -25.50 -1.94
N SER A 436 -18.08 -26.44 -1.22
CA SER A 436 -19.51 -26.70 -1.31
C SER A 436 -20.33 -25.50 -0.85
N SER A 437 -19.75 -24.67 0.02
CA SER A 437 -20.38 -23.43 0.44
C SER A 437 -20.66 -22.50 -0.74
N ARG A 438 -19.75 -22.48 -1.73
CA ARG A 438 -19.88 -21.59 -2.88
C ARG A 438 -20.12 -22.41 -4.14
N PRO A 439 -21.36 -22.47 -4.66
CA PRO A 439 -21.68 -23.37 -5.78
C PRO A 439 -21.08 -22.86 -7.09
N ASN A 440 -20.38 -23.76 -7.80
CA ASN A 440 -19.72 -23.52 -9.08
C ASN A 440 -18.35 -22.89 -8.92
N SER A 441 -17.95 -22.69 -7.65
CA SER A 441 -16.63 -22.20 -7.34
C SER A 441 -15.61 -23.26 -7.75
N GLY A 442 -14.34 -22.82 -7.90
CA GLY A 442 -13.25 -23.59 -8.46
C GLY A 442 -12.67 -22.88 -9.69
N LEU A 443 -11.37 -23.00 -9.93
CA LEU A 443 -10.79 -22.27 -11.04
C LEU A 443 -9.46 -22.88 -11.36
N ALA A 444 -8.99 -22.52 -12.54
CA ALA A 444 -7.71 -22.95 -13.03
C ALA A 444 -7.09 -21.77 -13.73
N THR A 445 -5.93 -21.32 -13.23
CA THR A 445 -5.19 -20.22 -13.81
C THR A 445 -4.01 -20.79 -14.55
N ILE A 446 -3.82 -20.36 -15.80
CA ILE A 446 -2.62 -20.73 -16.51
C ILE A 446 -2.13 -19.52 -17.29
N MET A 447 -0.81 -19.40 -17.37
CA MET A 447 -0.22 -18.23 -17.97
C MET A 447 1.12 -18.62 -18.55
N SER A 448 1.60 -17.81 -19.48
CA SER A 448 2.94 -17.90 -20.01
C SER A 448 3.49 -16.51 -20.23
N ASN A 449 4.77 -16.30 -19.90
CA ASN A 449 5.45 -15.03 -20.13
C ASN A 449 6.27 -15.14 -21.42
N GLY A 450 6.11 -16.28 -22.11
CA GLY A 450 6.79 -16.56 -23.38
C GLY A 450 5.80 -17.15 -24.37
N PRO A 451 6.22 -18.03 -25.33
CA PRO A 451 5.27 -18.80 -26.12
C PRO A 451 4.23 -19.51 -25.26
N GLY A 452 3.03 -19.64 -25.83
CA GLY A 452 1.91 -20.22 -25.13
C GLY A 452 2.17 -21.71 -24.98
N GLY A 453 1.24 -22.39 -24.34
CA GLY A 453 1.32 -23.82 -24.15
C GLY A 453 0.10 -24.30 -23.38
N SER A 454 0.24 -25.47 -22.78
CA SER A 454 -0.86 -26.10 -22.07
C SER A 454 -0.26 -26.91 -20.93
N LYS A 455 -1.13 -27.28 -19.99
CA LYS A 455 -0.70 -28.05 -18.84
C LYS A 455 -1.90 -28.79 -18.31
N TRP A 456 -1.67 -30.08 -18.02
CA TRP A 456 -2.60 -30.88 -17.26
C TRP A 456 -2.53 -30.47 -15.78
N MET A 457 -3.67 -30.11 -15.20
CA MET A 457 -3.72 -29.71 -13.81
C MET A 457 -4.95 -30.35 -13.18
N TYR A 458 -4.86 -30.66 -11.87
CA TYR A 458 -5.94 -31.25 -11.10
C TYR A 458 -6.80 -30.17 -10.46
N VAL A 459 -8.11 -30.24 -10.66
CA VAL A 459 -9.06 -29.29 -10.15
C VAL A 459 -10.02 -29.93 -9.17
N GLY A 460 -9.79 -31.20 -8.81
CA GLY A 460 -10.70 -31.84 -7.86
C GLY A 460 -11.65 -32.81 -8.56
N ARG A 461 -11.55 -34.07 -8.12
CA ARG A 461 -12.28 -35.19 -8.65
C ARG A 461 -13.76 -34.87 -8.70
N GLN A 462 -14.22 -34.06 -7.74
CA GLN A 462 -15.63 -33.70 -7.62
C GLN A 462 -16.10 -32.74 -8.73
N ASN A 463 -15.19 -32.22 -9.57
CA ASN A 463 -15.58 -31.32 -10.67
C ASN A 463 -15.63 -32.09 -11.99
N ALA A 464 -15.51 -33.43 -11.92
CA ALA A 464 -15.43 -34.27 -13.12
C ALA A 464 -16.59 -33.98 -14.06
N GLY A 465 -16.27 -33.94 -15.37
CA GLY A 465 -17.31 -33.78 -16.36
C GLY A 465 -17.82 -32.36 -16.54
N GLN A 466 -17.35 -31.38 -15.76
CA GLN A 466 -17.75 -29.99 -15.99
C GLN A 466 -16.96 -29.43 -17.17
N THR A 467 -17.51 -28.37 -17.79
CA THR A 467 -16.83 -27.67 -18.87
C THR A 467 -16.47 -26.25 -18.42
N TRP A 468 -15.18 -25.92 -18.43
CA TRP A 468 -14.67 -24.66 -17.89
C TRP A 468 -14.24 -23.74 -19.05
N THR A 469 -14.60 -22.45 -18.94
CA THR A 469 -14.21 -21.42 -19.91
C THR A 469 -13.52 -20.23 -19.24
N ASP A 470 -12.77 -19.49 -20.08
CA ASP A 470 -11.87 -18.44 -19.67
C ASP A 470 -12.64 -17.16 -19.35
N LEU A 471 -12.76 -16.87 -18.05
CA LEU A 471 -13.26 -15.57 -17.61
C LEU A 471 -12.57 -14.41 -18.33
N THR A 472 -11.29 -14.54 -18.70
CA THR A 472 -10.56 -13.36 -19.17
C THR A 472 -10.89 -13.09 -20.62
N GLY A 473 -11.33 -14.12 -21.37
CA GLY A 473 -11.55 -14.01 -22.79
C GLY A 473 -10.26 -14.13 -23.60
N ASN A 474 -9.12 -14.42 -22.96
CA ASN A 474 -7.90 -14.50 -23.73
C ASN A 474 -7.82 -15.80 -24.52
N ASN A 475 -8.65 -16.79 -24.18
CA ASN A 475 -8.59 -18.09 -24.83
C ASN A 475 -10.00 -18.61 -25.04
N GLY A 476 -10.25 -19.06 -26.27
CA GLY A 476 -11.57 -19.54 -26.65
C GLY A 476 -11.77 -21.02 -26.30
N ALA A 477 -10.72 -21.70 -25.81
CA ALA A 477 -10.86 -23.11 -25.47
C ALA A 477 -11.92 -23.33 -24.39
N SER A 478 -12.69 -24.39 -24.59
CA SER A 478 -13.54 -25.05 -23.62
C SER A 478 -12.72 -26.17 -22.97
N VAL A 479 -12.68 -26.26 -21.63
CA VAL A 479 -11.87 -27.29 -21.00
C VAL A 479 -12.81 -28.18 -20.19
N THR A 480 -12.96 -29.43 -20.64
CA THR A 480 -13.80 -30.40 -19.95
C THR A 480 -12.94 -31.18 -18.95
N ILE A 481 -13.44 -31.27 -17.72
CA ILE A 481 -12.70 -31.92 -16.66
C ILE A 481 -12.93 -33.43 -16.79
N ASN A 482 -11.84 -34.21 -16.78
CA ASN A 482 -11.92 -35.64 -16.98
C ASN A 482 -12.44 -36.33 -15.71
N GLY A 483 -12.53 -37.67 -15.75
CA GLY A 483 -13.18 -38.42 -14.69
C GLY A 483 -12.36 -38.48 -13.39
N ASP A 484 -11.03 -38.34 -13.52
CA ASP A 484 -10.15 -38.27 -12.39
C ASP A 484 -10.04 -36.84 -11.83
N GLY A 485 -10.65 -35.85 -12.50
CA GLY A 485 -10.67 -34.47 -12.01
C GLY A 485 -9.53 -33.61 -12.57
N TRP A 486 -8.92 -34.07 -13.67
CA TRP A 486 -7.88 -33.34 -14.39
C TRP A 486 -8.46 -32.67 -15.64
N GLY A 487 -8.01 -31.44 -15.92
CA GLY A 487 -8.26 -30.77 -17.19
C GLY A 487 -6.93 -30.37 -17.83
N GLU A 488 -6.95 -30.23 -19.16
CA GLU A 488 -5.80 -29.67 -19.85
C GLU A 488 -6.09 -28.21 -20.23
N PHE A 489 -5.36 -27.28 -19.59
CA PHE A 489 -5.61 -25.84 -19.74
C PHE A 489 -4.63 -25.26 -20.73
N PHE A 490 -5.13 -24.30 -21.52
CA PHE A 490 -4.40 -23.65 -22.60
C PHE A 490 -4.25 -22.15 -22.32
N THR A 491 -3.04 -21.63 -22.58
CA THR A 491 -2.74 -20.21 -22.62
C THR A 491 -1.99 -19.92 -23.92
N ASN A 492 -2.26 -18.72 -24.46
CA ASN A 492 -1.45 -18.16 -25.54
C ASN A 492 -0.17 -17.57 -24.93
N GLY A 493 0.73 -17.12 -25.81
CA GLY A 493 1.98 -16.50 -25.40
C GLY A 493 1.73 -15.14 -24.76
N GLY A 494 2.55 -14.82 -23.75
CA GLY A 494 2.47 -13.57 -23.02
C GLY A 494 1.05 -13.23 -22.57
N SER A 495 0.39 -14.17 -21.90
CA SER A 495 -1.03 -14.06 -21.63
C SER A 495 -1.37 -14.84 -20.35
N VAL A 496 -2.61 -14.67 -19.89
CA VAL A 496 -3.13 -15.47 -18.79
C VAL A 496 -4.58 -15.78 -19.05
N SER A 497 -5.02 -16.96 -18.58
CA SER A 497 -6.42 -17.34 -18.59
C SER A 497 -6.81 -17.89 -17.22
N VAL A 498 -8.07 -17.68 -16.85
CA VAL A 498 -8.62 -18.19 -15.63
C VAL A 498 -9.90 -18.90 -16.00
N TYR A 499 -9.86 -20.24 -15.95
CA TYR A 499 -10.97 -21.07 -16.38
C TYR A 499 -11.82 -21.40 -15.15
N VAL A 500 -13.14 -21.34 -15.34
CA VAL A 500 -14.11 -21.57 -14.28
C VAL A 500 -15.33 -22.20 -14.93
N ASN A 501 -16.21 -22.72 -14.07
CA ASN A 501 -17.49 -23.26 -14.50
C ASN A 501 -18.53 -22.15 -14.59
N GLN A 502 -18.83 -21.71 -15.83
CA GLN A 502 -19.80 -20.66 -16.06
C GLN A 502 -21.15 -21.29 -16.45
C1 GLC B . 6.69 11.03 -1.63
C2 GLC B . 7.47 11.25 -2.86
C3 GLC B . 8.66 12.13 -2.51
C4 GLC B . 8.24 13.44 -1.86
C5 GLC B . 7.36 13.10 -0.69
C6 GLC B . 6.75 14.30 -0.05
O2 GLC B . 7.92 10.01 -3.38
O3 GLC B . 9.44 12.38 -3.65
O4 GLC B . 9.40 14.18 -1.41
O5 GLC B . 6.26 12.28 -1.14
O6 GLC B . 5.81 14.84 -0.96
C1 GLC B . 4.96 15.83 -0.46
C2 GLC B . 3.69 15.69 -1.26
C3 GLC B . 3.87 16.15 -2.71
C4 GLC B . 4.51 17.52 -2.75
C5 GLC B . 5.82 17.52 -1.96
C6 GLC B . 6.48 18.87 -1.90
O2 GLC B . 3.24 14.34 -1.18
O3 GLC B . 2.58 16.21 -3.30
O4 GLC B . 4.83 17.88 -4.09
O5 GLC B . 5.51 17.14 -0.61
O6 GLC B . 5.54 19.83 -1.43
O4' PBW C . 7.16 10.07 -0.74
O7 PBW C . 6.92 8.36 3.73
C1' PBW C . 5.17 7.63 2.14
C2' PBW C . 4.56 7.73 0.75
O2' PBW C . 4.08 6.46 0.33
C3' PBW C . 5.51 8.28 -0.28
O3' PBW C . 4.75 8.64 -1.43
C4' PBW C . 6.27 9.50 0.24
C5' PBW C . 7.10 9.13 1.48
O6' PBW C . 7.25 11.41 2.33
C6' PBW C . 8.02 10.26 1.94
C7' PBW C . 6.13 8.71 2.58
CAF OC9 D . 10.89 16.11 -1.45
CAD OC9 D . 9.59 15.48 -1.98
C ACT E . 10.25 20.95 4.68
O ACT E . 10.41 20.47 5.81
OXT ACT E . 9.31 21.71 4.43
CH3 ACT E . 11.25 20.57 3.56
NA NA F . 5.28 -2.55 -9.60
NA NA G . 12.36 8.81 10.93
NA NA H . 10.14 -17.59 -19.25
#